data_2NSM
#
_entry.id   2NSM
#
_cell.length_a   150.030
_cell.length_b   150.030
_cell.length_c   54.910
_cell.angle_alpha   90.00
_cell.angle_beta   90.00
_cell.angle_gamma   120.00
#
_symmetry.space_group_name_H-M   'P 31 2 1'
#
loop_
_entity.id
_entity.type
_entity.pdbx_description
1 polymer 'Carboxypeptidase N catalytic chain'
2 non-polymer 2-acetamido-2-deoxy-beta-D-glucopyranose
3 non-polymer 'SULFATE ION'
4 water water
#
_entity_poly.entity_id   1
_entity_poly.type   'polypeptide(L)'
_entity_poly.pdbx_seq_one_letter_code
;KLAFRHHRYDDLVRTLYKVQNECPGITRVYSIGRSVEGRHLYVLEFSDHPGIHEPLEPEVKYVGNMHGNEALGRELMLQL
SEFLCEEFRNRNQRIVQLIQDTRIHILPSMNPDGYEVAAAQGPNKPGYLVGRNNANGVDLNRNFPDLNTYIYYNEKYGGP
NHHLPLPDNWKSQVEPETRAVIRWMHSFNFVLSANLHGGAVVANYPYDKSFEHRVRGVRRTASTPTPDDKLFQKLAKVYS
YAHGWMFQGWNCGDYFPDGITNGASWYSLSKGMQDFNYLHTNCFEITLELSCDKFPPEEELQREWLGNKEALIQFLEQVH
QGIKGMVLDQNYNNLANAVISVSGINHDVTSGDHGDYFRLLLPGIYTVSATAPGYDPETVTVTVGPAEPTLVNFHLKRSI
PQVSPVRRAPSRRHGVRAKVQPQARKKEMEMRQLQRGPA
;
_entity_poly.pdbx_strand_id   A
#
loop_
_chem_comp.id
_chem_comp.type
_chem_comp.name
_chem_comp.formula
NAG D-saccharide, beta linking 2-acetamido-2-deoxy-beta-D-glucopyranose 'C8 H15 N O6'
SO4 non-polymer 'SULFATE ION' 'O4 S -2'
#
# COMPACT_ATOMS: atom_id res chain seq x y z
N LYS A 1 26.49 -6.73 5.53
CA LYS A 1 25.10 -6.41 5.89
C LYS A 1 24.95 -4.95 6.31
N LEU A 2 23.86 -4.32 5.88
CA LEU A 2 23.59 -2.92 6.21
C LEU A 2 23.58 -2.74 7.72
N ALA A 3 24.23 -1.67 8.19
CA ALA A 3 24.28 -1.39 9.62
C ALA A 3 22.95 -0.88 10.11
N PHE A 4 22.68 -1.06 11.40
CA PHE A 4 21.43 -0.59 11.95
C PHE A 4 21.61 0.82 12.47
N ARG A 5 21.70 1.76 11.53
CA ARG A 5 21.86 3.17 11.83
C ARG A 5 20.92 3.94 10.92
N HIS A 6 20.76 5.22 11.18
CA HIS A 6 19.90 6.07 10.37
C HIS A 6 20.62 6.42 9.07
N HIS A 7 19.93 6.28 7.95
CA HIS A 7 20.52 6.60 6.66
C HIS A 7 19.93 7.87 6.07
N ARG A 8 20.78 8.86 5.83
CA ARG A 8 20.31 10.12 5.24
C ARG A 8 20.21 9.89 3.74
N TYR A 9 19.70 10.89 3.02
CA TYR A 9 19.50 10.79 1.59
C TYR A 9 20.58 10.05 0.79
N ASP A 10 21.82 10.55 0.82
CA ASP A 10 22.89 9.92 0.06
C ASP A 10 23.10 8.46 0.39
N ASP A 11 23.07 8.10 1.67
CA ASP A 11 23.25 6.72 2.06
C ASP A 11 22.06 5.87 1.62
N LEU A 12 20.86 6.46 1.66
CA LEU A 12 19.66 5.74 1.24
C LEU A 12 19.81 5.38 -0.23
N VAL A 13 20.20 6.35 -1.05
CA VAL A 13 20.38 6.11 -2.49
C VAL A 13 21.45 5.05 -2.74
N ARG A 14 22.58 5.16 -2.06
CA ARG A 14 23.65 4.19 -2.22
C ARG A 14 23.17 2.79 -1.85
N THR A 15 22.42 2.70 -0.76
CA THR A 15 21.89 1.42 -0.29
C THR A 15 21.02 0.75 -1.35
N LEU A 16 20.09 1.51 -1.94
CA LEU A 16 19.21 0.94 -2.95
C LEU A 16 19.98 0.42 -4.15
N TYR A 17 20.98 1.18 -4.60
CA TYR A 17 21.76 0.73 -5.75
C TYR A 17 22.68 -0.41 -5.37
N LYS A 18 23.08 -0.46 -4.11
CA LYS A 18 23.93 -1.55 -3.64
C LYS A 18 23.13 -2.84 -3.71
N VAL A 19 21.89 -2.81 -3.24
CA VAL A 19 21.04 -3.99 -3.27
C VAL A 19 20.81 -4.42 -4.71
N GLN A 20 20.53 -3.45 -5.57
CA GLN A 20 20.28 -3.73 -6.98
C GLN A 20 21.52 -4.39 -7.57
N ASN A 21 22.70 -3.91 -7.19
CA ASN A 21 23.95 -4.47 -7.70
C ASN A 21 24.15 -5.91 -7.23
N GLU A 22 23.64 -6.23 -6.04
CA GLU A 22 23.77 -7.57 -5.47
C GLU A 22 22.76 -8.56 -6.08
N CYS A 23 21.58 -8.07 -6.41
CA CYS A 23 20.53 -8.91 -7.01
C CYS A 23 20.03 -8.25 -8.29
N PRO A 24 20.93 -8.08 -9.28
CA PRO A 24 20.68 -7.46 -10.58
C PRO A 24 19.53 -8.03 -11.39
N GLY A 25 19.38 -9.35 -11.37
CA GLY A 25 18.32 -9.97 -12.13
C GLY A 25 16.92 -9.88 -11.59
N ILE A 26 16.75 -9.44 -10.35
CA ILE A 26 15.41 -9.36 -9.77
C ILE A 26 15.03 -7.99 -9.19
N THR A 27 15.82 -6.97 -9.48
CA THR A 27 15.54 -5.64 -8.96
C THR A 27 15.67 -4.55 -9.99
N ARG A 28 15.07 -3.41 -9.68
CA ARG A 28 15.11 -2.25 -10.54
C ARG A 28 14.90 -1.03 -9.67
N VAL A 29 15.84 -0.09 -9.73
CA VAL A 29 15.71 1.15 -8.97
C VAL A 29 15.17 2.19 -9.94
N TYR A 30 14.16 2.93 -9.52
CA TYR A 30 13.60 3.98 -10.37
C TYR A 30 13.03 5.09 -9.51
N SER A 31 12.94 6.29 -10.09
CA SER A 31 12.41 7.46 -9.38
C SER A 31 11.03 7.79 -9.93
N ILE A 32 10.10 8.14 -9.04
CA ILE A 32 8.76 8.50 -9.49
C ILE A 32 8.61 10.01 -9.54
N GLY A 33 9.68 10.73 -9.24
CA GLY A 33 9.63 12.18 -9.26
C GLY A 33 10.57 12.81 -8.24
N ARG A 34 10.62 14.13 -8.23
CA ARG A 34 11.49 14.86 -7.30
C ARG A 34 10.72 15.59 -6.22
N SER A 35 11.36 15.76 -5.07
CA SER A 35 10.76 16.46 -3.95
C SER A 35 10.82 17.96 -4.26
N VAL A 36 10.28 18.78 -3.36
CA VAL A 36 10.30 20.22 -3.56
C VAL A 36 11.75 20.69 -3.74
N GLU A 37 12.67 20.14 -2.95
CA GLU A 37 14.06 20.54 -3.01
C GLU A 37 14.95 19.78 -3.99
N GLY A 38 14.34 18.96 -4.85
CA GLY A 38 15.12 18.24 -5.83
C GLY A 38 15.57 16.82 -5.52
N ARG A 39 15.15 16.29 -4.37
CA ARG A 39 15.55 14.93 -4.01
C ARG A 39 14.61 13.93 -4.67
N HIS A 40 15.19 12.86 -5.20
CA HIS A 40 14.42 11.82 -5.87
C HIS A 40 13.64 10.93 -4.92
N LEU A 41 12.40 10.62 -5.28
CA LEU A 41 11.59 9.71 -4.49
C LEU A 41 11.90 8.36 -5.14
N TYR A 42 12.96 7.73 -4.68
CA TYR A 42 13.41 6.44 -5.21
C TYR A 42 12.56 5.27 -4.75
N VAL A 43 12.32 4.37 -5.70
CA VAL A 43 11.55 3.15 -5.47
C VAL A 43 12.42 1.98 -5.89
N LEU A 44 12.38 0.89 -5.11
CA LEU A 44 13.14 -0.31 -5.43
C LEU A 44 12.10 -1.37 -5.71
N GLU A 45 12.12 -1.89 -6.94
CA GLU A 45 11.19 -2.92 -7.38
C GLU A 45 11.81 -4.31 -7.33
N PHE A 46 11.06 -5.29 -6.82
CA PHE A 46 11.52 -6.68 -6.77
C PHE A 46 10.58 -7.52 -7.63
N SER A 47 11.16 -8.37 -8.47
CA SER A 47 10.40 -9.26 -9.34
C SER A 47 11.41 -10.11 -10.10
N ASP A 48 11.03 -11.33 -10.47
CA ASP A 48 11.98 -12.14 -11.24
C ASP A 48 12.04 -11.61 -12.68
N HIS A 49 11.13 -10.69 -12.99
CA HIS A 49 11.10 -10.03 -14.30
C HIS A 49 10.75 -8.56 -14.06
N PRO A 50 11.69 -7.81 -13.48
CA PRO A 50 11.47 -6.40 -13.18
C PRO A 50 11.23 -5.50 -14.39
N GLY A 51 10.40 -4.49 -14.19
CA GLY A 51 10.10 -3.56 -15.26
C GLY A 51 8.95 -3.96 -16.16
N ILE A 52 8.27 -5.05 -15.85
CA ILE A 52 7.15 -5.47 -16.68
C ILE A 52 6.04 -6.13 -15.85
N HIS A 53 4.80 -5.82 -16.21
CA HIS A 53 3.66 -6.41 -15.52
C HIS A 53 3.37 -7.73 -16.21
N GLU A 54 3.15 -8.78 -15.42
CA GLU A 54 2.82 -10.07 -15.99
C GLU A 54 1.37 -10.34 -15.65
N PRO A 55 0.57 -10.74 -16.64
CA PRO A 55 -0.85 -11.01 -16.35
C PRO A 55 -1.03 -12.00 -15.20
N LEU A 56 -1.97 -11.68 -14.32
CA LEU A 56 -2.29 -12.51 -13.15
C LEU A 56 -1.26 -12.43 -12.04
N GLU A 57 -0.26 -11.57 -12.22
CA GLU A 57 0.77 -11.38 -11.19
C GLU A 57 0.43 -10.02 -10.54
N PRO A 58 0.01 -10.04 -9.26
CA PRO A 58 -0.34 -8.78 -8.59
C PRO A 58 0.83 -7.89 -8.22
N GLU A 59 0.55 -6.58 -8.20
CA GLU A 59 1.54 -5.56 -7.85
C GLU A 59 1.21 -5.10 -6.42
N VAL A 60 2.23 -4.99 -5.57
CA VAL A 60 2.01 -4.54 -4.20
C VAL A 60 3.06 -3.49 -3.86
N LYS A 61 2.80 -2.69 -2.82
CA LYS A 61 3.76 -1.67 -2.45
C LYS A 61 3.80 -1.31 -0.97
N TYR A 62 4.96 -0.82 -0.55
CA TYR A 62 5.18 -0.36 0.80
C TYR A 62 5.64 1.08 0.64
N VAL A 63 5.12 1.98 1.48
CA VAL A 63 5.52 3.38 1.42
C VAL A 63 5.87 3.81 2.83
N GLY A 64 7.02 4.45 2.99
CA GLY A 64 7.38 4.91 4.31
C GLY A 64 7.85 6.35 4.36
N ASN A 65 8.02 6.85 5.58
CA ASN A 65 8.56 8.20 5.76
C ASN A 65 7.81 9.32 5.04
N MET A 66 6.48 9.26 4.96
CA MET A 66 5.75 10.35 4.29
C MET A 66 5.82 11.57 5.22
N HIS A 67 6.02 11.28 6.50
CA HIS A 67 6.20 12.30 7.51
C HIS A 67 7.68 12.22 7.83
N GLY A 68 8.40 13.29 7.50
CA GLY A 68 9.84 13.32 7.69
C GLY A 68 10.44 12.80 8.99
N ASN A 69 9.80 13.05 10.12
CA ASN A 69 10.33 12.61 11.40
C ASN A 69 9.95 11.19 11.80
N GLU A 70 9.16 10.51 10.96
CA GLU A 70 8.76 9.13 11.23
C GLU A 70 9.73 8.29 10.39
N ALA A 71 10.91 8.09 10.97
CA ALA A 71 12.01 7.40 10.33
C ALA A 71 12.04 5.87 10.36
N LEU A 72 11.30 5.25 11.26
CA LEU A 72 11.35 3.79 11.33
C LEU A 72 10.91 3.12 10.03
N GLY A 73 9.84 3.62 9.42
CA GLY A 73 9.38 3.04 8.16
C GLY A 73 10.49 3.08 7.12
N ARG A 74 11.20 4.20 7.11
CA ARG A 74 12.31 4.42 6.20
C ARG A 74 13.38 3.34 6.36
N GLU A 75 13.88 3.18 7.59
CA GLU A 75 14.91 2.19 7.85
C GLU A 75 14.45 0.74 7.66
N LEU A 76 13.21 0.44 8.03
CA LEU A 76 12.68 -0.91 7.87
C LEU A 76 12.63 -1.28 6.38
N MET A 77 12.35 -0.30 5.53
CA MET A 77 12.29 -0.57 4.10
C MET A 77 13.67 -0.79 3.51
N LEU A 78 14.69 -0.15 4.08
CA LEU A 78 16.04 -0.36 3.59
C LEU A 78 16.51 -1.73 4.07
N GLN A 79 16.16 -2.09 5.31
CA GLN A 79 16.54 -3.40 5.83
C GLN A 79 15.78 -4.47 5.05
N LEU A 80 14.50 -4.22 4.75
CA LEU A 80 13.70 -5.19 4.00
C LEU A 80 14.29 -5.43 2.62
N SER A 81 14.73 -4.36 1.97
CA SER A 81 15.32 -4.48 0.63
C SER A 81 16.52 -5.42 0.67
N GLU A 82 17.41 -5.22 1.64
CA GLU A 82 18.58 -6.07 1.76
C GLU A 82 18.17 -7.51 2.09
N PHE A 83 17.18 -7.64 2.97
CA PHE A 83 16.68 -8.96 3.39
C PHE A 83 16.14 -9.78 2.23
N LEU A 84 15.32 -9.16 1.38
CA LEU A 84 14.74 -9.84 0.25
C LEU A 84 15.82 -10.34 -0.71
N CYS A 85 16.82 -9.50 -0.97
CA CYS A 85 17.91 -9.89 -1.87
C CYS A 85 18.73 -11.01 -1.26
N GLU A 86 19.05 -10.89 0.02
CA GLU A 86 19.83 -11.91 0.73
C GLU A 86 19.14 -13.27 0.74
N GLU A 87 17.88 -13.28 1.14
CA GLU A 87 17.12 -14.52 1.21
C GLU A 87 16.91 -15.14 -0.16
N PHE A 88 16.82 -14.29 -1.19
CA PHE A 88 16.66 -14.81 -2.55
C PHE A 88 17.95 -15.53 -2.89
N ARG A 89 19.08 -14.91 -2.57
CA ARG A 89 20.38 -15.50 -2.83
C ARG A 89 20.61 -16.76 -1.99
N ASN A 90 20.07 -16.77 -0.77
CA ASN A 90 20.21 -17.93 0.12
C ASN A 90 19.35 -19.07 -0.39
N ARG A 91 18.47 -18.74 -1.34
CA ARG A 91 17.54 -19.68 -1.93
C ARG A 91 16.42 -20.09 -0.98
N ASN A 92 16.05 -19.16 -0.11
CA ASN A 92 14.93 -19.36 0.81
C ASN A 92 13.74 -19.35 -0.13
N GLN A 93 13.14 -20.51 -0.37
CA GLN A 93 12.02 -20.60 -1.31
C GLN A 93 10.78 -19.79 -0.97
N ARG A 94 10.59 -19.45 0.30
CA ARG A 94 9.43 -18.66 0.68
C ARG A 94 9.59 -17.29 0.01
N ILE A 95 10.80 -16.74 0.09
CA ILE A 95 11.10 -15.44 -0.49
C ILE A 95 11.24 -15.51 -2.02
N VAL A 96 11.87 -16.58 -2.52
CA VAL A 96 12.04 -16.76 -3.97
C VAL A 96 10.67 -16.82 -4.64
N GLN A 97 9.78 -17.62 -4.07
CA GLN A 97 8.43 -17.75 -4.63
C GLN A 97 7.67 -16.44 -4.53
N LEU A 98 7.86 -15.73 -3.43
CA LEU A 98 7.19 -14.43 -3.24
C LEU A 98 7.59 -13.50 -4.38
N ILE A 99 8.90 -13.45 -4.65
CA ILE A 99 9.43 -12.59 -5.70
C ILE A 99 9.06 -13.06 -7.10
N GLN A 100 8.91 -14.38 -7.26
CA GLN A 100 8.53 -14.94 -8.55
C GLN A 100 7.05 -14.74 -8.87
N ASP A 101 6.20 -14.72 -7.83
CA ASP A 101 4.76 -14.59 -8.04
C ASP A 101 4.18 -13.21 -7.77
N THR A 102 5.05 -12.26 -7.38
CA THR A 102 4.58 -10.94 -7.04
C THR A 102 5.51 -9.87 -7.57
N ARG A 103 4.98 -8.68 -7.77
CA ARG A 103 5.79 -7.55 -8.20
C ARG A 103 5.73 -6.59 -7.03
N ILE A 104 6.85 -6.44 -6.33
CA ILE A 104 6.95 -5.60 -5.13
C ILE A 104 7.69 -4.28 -5.33
N HIS A 105 7.01 -3.17 -5.02
CA HIS A 105 7.61 -1.84 -5.15
C HIS A 105 7.79 -1.21 -3.77
N ILE A 106 9.03 -0.90 -3.42
CA ILE A 106 9.34 -0.31 -2.13
C ILE A 106 9.79 1.14 -2.22
N LEU A 107 9.03 2.05 -1.62
CA LEU A 107 9.36 3.47 -1.59
C LEU A 107 9.73 3.77 -0.14
N PRO A 108 11.04 3.75 0.17
CA PRO A 108 11.53 4.00 1.52
C PRO A 108 11.18 5.37 2.10
N SER A 109 11.20 6.40 1.26
CA SER A 109 10.92 7.75 1.72
C SER A 109 10.12 8.61 0.75
N MET A 110 8.88 8.89 1.11
CA MET A 110 8.01 9.72 0.28
C MET A 110 8.29 11.20 0.55
N ASN A 111 8.89 11.50 1.71
CA ASN A 111 9.20 12.88 2.09
C ASN A 111 10.67 13.01 2.47
N PRO A 112 11.57 12.88 1.48
CA PRO A 112 13.00 12.99 1.75
C PRO A 112 13.44 14.38 2.27
N ASP A 113 12.78 15.44 1.82
CA ASP A 113 13.11 16.79 2.27
C ASP A 113 12.85 16.91 3.76
N GLY A 114 11.67 16.45 4.18
CA GLY A 114 11.32 16.52 5.59
C GLY A 114 12.24 15.67 6.45
N TYR A 115 12.66 14.52 5.93
CA TYR A 115 13.55 13.65 6.70
C TYR A 115 14.86 14.36 7.04
N GLU A 116 15.44 15.05 6.07
CA GLU A 116 16.70 15.74 6.30
C GLU A 116 16.55 16.80 7.40
N VAL A 117 15.40 17.47 7.43
CA VAL A 117 15.13 18.47 8.44
C VAL A 117 15.02 17.78 9.80
N ALA A 118 14.30 16.66 9.84
CA ALA A 118 14.14 15.92 11.08
C ALA A 118 15.48 15.39 11.59
N ALA A 119 16.26 14.80 10.69
CA ALA A 119 17.56 14.24 11.07
C ALA A 119 18.55 15.28 11.58
N ALA A 120 18.50 16.48 11.02
CA ALA A 120 19.41 17.55 11.43
C ALA A 120 19.06 18.10 12.81
N GLN A 121 17.79 17.97 13.20
CA GLN A 121 17.35 18.47 14.50
C GLN A 121 17.77 17.52 15.62
N GLY A 122 18.74 17.92 16.42
CA GLY A 122 19.19 17.09 17.51
C GLY A 122 20.69 16.91 17.56
N PRO A 123 21.29 16.18 16.59
CA PRO A 123 20.59 15.55 15.47
C PRO A 123 19.80 14.31 15.87
N ASN A 124 18.97 13.83 14.94
CA ASN A 124 18.14 12.64 15.15
C ASN A 124 17.16 12.72 16.33
N LYS A 125 16.77 13.94 16.70
CA LYS A 125 15.82 14.15 17.78
C LYS A 125 14.87 15.29 17.40
N PRO A 126 14.09 15.08 16.34
CA PRO A 126 13.12 16.05 15.82
C PRO A 126 11.93 16.27 16.74
N GLY A 127 11.75 15.35 17.68
CA GLY A 127 10.62 15.47 18.56
C GLY A 127 9.37 15.13 17.78
N TYR A 128 8.23 15.59 18.27
CA TYR A 128 6.94 15.31 17.65
C TYR A 128 6.63 15.99 16.32
N LEU A 129 7.19 17.18 16.09
CA LEU A 129 6.88 17.94 14.88
C LEU A 129 7.93 18.24 13.81
N VAL A 130 9.18 18.47 14.22
CA VAL A 130 10.21 18.82 13.25
C VAL A 130 10.37 17.87 12.08
N GLY A 131 10.27 18.41 10.88
CA GLY A 131 10.41 17.61 9.68
C GLY A 131 9.19 16.80 9.27
N ARG A 132 8.08 16.95 10.00
CA ARG A 132 6.87 16.21 9.67
C ARG A 132 6.35 16.58 8.28
N ASN A 133 6.23 17.88 8.03
CA ASN A 133 5.72 18.37 6.75
C ASN A 133 6.82 18.36 5.69
N ASN A 134 6.45 18.67 4.45
CA ASN A 134 7.41 18.73 3.36
C ASN A 134 8.03 20.14 3.36
N ALA A 135 8.92 20.42 2.41
CA ALA A 135 9.59 21.73 2.34
C ALA A 135 8.66 22.94 2.27
N ASN A 136 7.46 22.76 1.73
CA ASN A 136 6.53 23.88 1.65
C ASN A 136 5.65 23.97 2.90
N GLY A 137 6.03 23.22 3.94
CA GLY A 137 5.27 23.25 5.16
C GLY A 137 3.92 22.56 5.06
N VAL A 138 3.79 21.64 4.11
CA VAL A 138 2.53 20.93 3.94
C VAL A 138 2.59 19.50 4.49
N ASP A 139 1.51 19.09 5.15
CA ASP A 139 1.42 17.74 5.70
C ASP A 139 0.95 16.88 4.52
N LEU A 140 1.84 16.03 4.01
CA LEU A 140 1.47 15.20 2.87
C LEU A 140 0.28 14.28 3.09
N ASN A 141 0.02 13.90 4.35
CA ASN A 141 -1.12 13.02 4.62
C ASN A 141 -2.43 13.77 4.86
N ARG A 142 -2.49 15.00 4.34
CA ARG A 142 -3.68 15.86 4.42
C ARG A 142 -3.63 16.62 3.10
N ASN A 143 -2.85 16.09 2.15
CA ASN A 143 -2.67 16.73 0.85
C ASN A 143 -3.32 15.98 -0.30
N PHE A 144 -3.86 14.78 -0.05
CA PHE A 144 -4.51 14.04 -1.12
C PHE A 144 -5.97 14.47 -1.27
N PRO A 145 -6.49 14.45 -2.50
CA PRO A 145 -7.89 14.84 -2.73
C PRO A 145 -8.81 14.03 -1.83
N ASP A 146 -9.82 14.69 -1.28
CA ASP A 146 -10.78 14.04 -0.40
C ASP A 146 -11.89 13.44 -1.25
N LEU A 147 -11.91 12.11 -1.37
CA LEU A 147 -12.94 11.44 -2.16
C LEU A 147 -14.01 10.82 -1.27
N ASN A 148 -13.78 10.85 0.05
CA ASN A 148 -14.71 10.27 1.01
C ASN A 148 -16.11 10.90 0.96
N THR A 149 -16.15 12.23 0.80
CA THR A 149 -17.44 12.93 0.72
C THR A 149 -18.31 12.31 -0.37
N TYR A 150 -17.70 12.02 -1.51
CA TYR A 150 -18.41 11.42 -2.63
C TYR A 150 -18.86 10.00 -2.34
N ILE A 151 -17.96 9.18 -1.80
CA ILE A 151 -18.32 7.80 -1.53
C ILE A 151 -19.41 7.66 -0.46
N TYR A 152 -19.35 8.49 0.58
CA TYR A 152 -20.36 8.41 1.62
C TYR A 152 -21.74 8.74 1.03
N TYR A 153 -21.79 9.70 0.12
CA TYR A 153 -23.05 10.07 -0.53
C TYR A 153 -23.52 8.90 -1.42
N ASN A 154 -22.60 8.40 -2.24
CA ASN A 154 -22.93 7.30 -3.14
C ASN A 154 -23.36 6.03 -2.42
N GLU A 155 -22.77 5.77 -1.25
CA GLU A 155 -23.15 4.59 -0.48
C GLU A 155 -24.55 4.77 0.08
N LYS A 156 -24.92 6.02 0.36
CA LYS A 156 -26.23 6.31 0.92
C LYS A 156 -27.35 6.37 -0.12
N TYR A 157 -27.11 7.07 -1.23
CA TYR A 157 -28.12 7.22 -2.25
C TYR A 157 -27.91 6.40 -3.52
N GLY A 158 -26.80 5.66 -3.56
CA GLY A 158 -26.51 4.85 -4.72
C GLY A 158 -25.58 5.59 -5.68
N GLY A 159 -24.88 4.83 -6.52
CA GLY A 159 -23.97 5.43 -7.48
C GLY A 159 -22.64 4.72 -7.57
N PRO A 160 -21.71 5.21 -8.39
CA PRO A 160 -20.38 4.58 -8.55
C PRO A 160 -19.74 4.32 -7.19
N ASN A 161 -19.16 3.14 -7.02
CA ASN A 161 -18.53 2.79 -5.76
C ASN A 161 -17.03 2.54 -5.89
N HIS A 162 -16.42 3.04 -6.96
CA HIS A 162 -14.99 2.84 -7.17
C HIS A 162 -14.44 3.86 -8.17
N HIS A 163 -13.14 4.04 -8.16
CA HIS A 163 -12.47 4.97 -9.06
C HIS A 163 -13.15 6.32 -9.16
N LEU A 164 -13.32 7.01 -8.03
CA LEU A 164 -13.92 8.33 -8.04
C LEU A 164 -12.87 9.23 -8.69
N PRO A 165 -13.30 10.16 -9.54
CA PRO A 165 -12.41 11.08 -10.25
C PRO A 165 -11.78 12.17 -9.38
N LEU A 166 -10.65 12.71 -9.86
CA LEU A 166 -9.95 13.77 -9.15
C LEU A 166 -10.41 15.12 -9.68
N PRO A 167 -10.24 16.18 -8.89
CA PRO A 167 -10.65 17.51 -9.37
C PRO A 167 -9.83 17.88 -10.60
N ASP A 168 -10.45 18.56 -11.55
CA ASP A 168 -9.80 18.96 -12.79
C ASP A 168 -8.39 19.52 -12.66
N ASN A 169 -8.18 20.37 -11.68
CA ASN A 169 -6.86 20.97 -11.48
C ASN A 169 -6.10 20.40 -10.30
N TRP A 170 -6.29 19.11 -10.02
CA TRP A 170 -5.61 18.47 -8.90
C TRP A 170 -4.11 18.61 -8.97
N LYS A 171 -3.55 18.53 -10.17
CA LYS A 171 -2.11 18.65 -10.34
C LYS A 171 -1.54 19.94 -9.76
N SER A 172 -2.38 20.97 -9.65
CA SER A 172 -1.93 22.25 -9.11
C SER A 172 -2.36 22.44 -7.66
N GLN A 173 -3.14 21.49 -7.14
CA GLN A 173 -3.61 21.56 -5.76
C GLN A 173 -2.80 20.67 -4.82
N VAL A 174 -1.93 19.84 -5.39
CA VAL A 174 -1.13 18.94 -4.56
C VAL A 174 0.36 19.26 -4.59
N GLU A 175 1.09 18.77 -3.59
CA GLU A 175 2.53 18.98 -3.51
C GLU A 175 3.24 18.09 -4.52
N PRO A 176 4.51 18.40 -4.82
CA PRO A 176 5.23 17.55 -5.78
C PRO A 176 5.33 16.09 -5.33
N GLU A 177 5.53 15.85 -4.05
CA GLU A 177 5.62 14.47 -3.55
C GLU A 177 4.29 13.76 -3.77
N THR A 178 3.21 14.44 -3.42
CA THR A 178 1.86 13.89 -3.59
C THR A 178 1.58 13.61 -5.06
N ARG A 179 1.94 14.57 -5.91
CA ARG A 179 1.71 14.43 -7.34
C ARG A 179 2.46 13.23 -7.89
N ALA A 180 3.71 13.06 -7.45
CA ALA A 180 4.52 11.94 -7.90
C ALA A 180 3.86 10.62 -7.51
N VAL A 181 3.40 10.54 -6.28
CA VAL A 181 2.75 9.32 -5.80
C VAL A 181 1.45 9.01 -6.53
N ILE A 182 0.64 10.04 -6.80
CA ILE A 182 -0.61 9.82 -7.51
C ILE A 182 -0.34 9.34 -8.95
N ARG A 183 0.66 9.92 -9.61
CA ARG A 183 0.99 9.50 -10.97
C ARG A 183 1.50 8.07 -10.94
N TRP A 184 2.19 7.73 -9.87
CA TRP A 184 2.74 6.40 -9.66
C TRP A 184 1.56 5.42 -9.54
N MET A 185 0.57 5.78 -8.74
CA MET A 185 -0.61 4.95 -8.55
C MET A 185 -1.34 4.74 -9.88
N HIS A 186 -1.25 5.74 -10.76
CA HIS A 186 -1.89 5.67 -12.08
C HIS A 186 -1.08 4.82 -13.04
N SER A 187 0.19 4.58 -12.70
CA SER A 187 1.09 3.83 -13.56
C SER A 187 1.09 2.31 -13.37
N PHE A 188 0.63 1.85 -12.21
CA PHE A 188 0.59 0.42 -11.93
C PHE A 188 -0.75 0.06 -11.27
N ASN A 189 -1.20 -1.17 -11.50
CA ASN A 189 -2.45 -1.63 -10.90
C ASN A 189 -2.15 -2.22 -9.53
N PHE A 190 -1.80 -1.37 -8.57
CA PHE A 190 -1.49 -1.86 -7.22
C PHE A 190 -2.73 -2.52 -6.61
N VAL A 191 -2.52 -3.68 -5.99
CA VAL A 191 -3.61 -4.44 -5.39
C VAL A 191 -3.66 -4.31 -3.86
N LEU A 192 -2.50 -4.32 -3.23
CA LEU A 192 -2.40 -4.23 -1.77
C LEU A 192 -1.24 -3.31 -1.41
N SER A 193 -1.36 -2.60 -0.31
CA SER A 193 -0.31 -1.67 0.10
C SER A 193 -0.38 -1.34 1.58
N ALA A 194 0.74 -0.82 2.10
CA ALA A 194 0.80 -0.39 3.49
C ALA A 194 1.67 0.85 3.55
N ASN A 195 1.17 1.86 4.26
CA ASN A 195 1.87 3.12 4.47
C ASN A 195 2.41 3.02 5.90
N LEU A 196 3.71 3.25 6.08
CA LEU A 196 4.32 3.11 7.40
C LEU A 196 4.49 4.42 8.17
N HIS A 197 3.94 4.45 9.38
CA HIS A 197 4.00 5.64 10.24
C HIS A 197 4.67 5.39 11.58
N GLY A 198 4.80 6.47 12.34
CA GLY A 198 5.38 6.42 13.68
C GLY A 198 4.52 7.30 14.57
N GLY A 199 4.50 7.02 15.86
CA GLY A 199 3.69 7.81 16.79
C GLY A 199 2.76 6.92 17.59
N ALA A 200 2.55 5.71 17.07
CA ALA A 200 1.70 4.73 17.74
C ALA A 200 2.08 3.35 17.23
N VAL A 201 1.45 2.32 17.79
CA VAL A 201 1.70 0.95 17.38
C VAL A 201 0.33 0.31 17.19
N VAL A 202 -0.16 0.34 15.95
CA VAL A 202 -1.47 -0.21 15.64
C VAL A 202 -1.62 -0.30 14.12
N ALA A 203 -2.48 -1.22 13.67
CA ALA A 203 -2.73 -1.36 12.24
C ALA A 203 -4.04 -0.63 11.98
N ASN A 204 -3.93 0.53 11.33
CA ASN A 204 -5.05 1.43 10.99
C ASN A 204 -5.64 1.14 9.57
N TYR A 205 -6.96 0.93 9.44
CA TYR A 205 -7.64 0.64 8.14
C TYR A 205 -8.83 1.57 7.84
N PRO A 206 -9.27 1.66 6.56
CA PRO A 206 -10.38 2.51 6.10
C PRO A 206 -11.68 2.29 6.89
N TYR A 207 -12.50 3.33 7.01
CA TYR A 207 -12.19 4.68 6.51
C TYR A 207 -11.51 5.55 7.56
N ASP A 208 -10.71 6.50 7.09
CA ASP A 208 -10.00 7.44 7.97
C ASP A 208 -10.88 8.63 8.38
N LYS A 209 -11.78 9.03 7.49
CA LYS A 209 -12.65 10.18 7.74
C LYS A 209 -13.99 9.77 8.33
N SER A 210 -14.31 10.36 9.47
CA SER A 210 -15.57 10.07 10.15
C SER A 210 -16.76 10.47 9.29
N PHE A 211 -17.78 9.63 9.27
CA PHE A 211 -19.00 9.88 8.51
C PHE A 211 -19.68 11.15 9.01
N GLU A 212 -19.42 11.50 10.28
CA GLU A 212 -20.00 12.69 10.88
C GLU A 212 -18.92 13.70 11.25
N ALA A 222 -16.05 8.59 15.17
CA ALA A 222 -17.06 7.54 15.01
C ALA A 222 -16.62 6.49 14.00
N SER A 223 -16.83 5.23 14.34
CA SER A 223 -16.45 4.13 13.46
C SER A 223 -17.08 4.32 12.07
N THR A 224 -16.24 4.29 11.04
CA THR A 224 -16.71 4.48 9.68
C THR A 224 -16.12 3.40 8.78
N PRO A 225 -16.76 2.22 8.76
CA PRO A 225 -16.32 1.08 7.96
C PRO A 225 -16.55 1.19 6.45
N THR A 226 -15.75 0.42 5.70
CA THR A 226 -15.85 0.36 4.26
C THR A 226 -16.67 -0.88 3.93
N PRO A 227 -17.06 -1.05 2.66
CA PRO A 227 -17.84 -2.24 2.31
C PRO A 227 -16.99 -3.51 2.49
N ASP A 228 -15.67 -3.33 2.59
CA ASP A 228 -14.73 -4.44 2.75
C ASP A 228 -14.19 -4.51 4.19
N ASP A 229 -14.97 -4.02 5.14
CA ASP A 229 -14.56 -4.00 6.54
C ASP A 229 -13.99 -5.32 7.08
N LYS A 230 -14.69 -6.42 6.85
CA LYS A 230 -14.21 -7.71 7.35
C LYS A 230 -12.84 -8.06 6.77
N LEU A 231 -12.66 -7.83 5.48
CA LEU A 231 -11.39 -8.12 4.84
C LEU A 231 -10.28 -7.23 5.42
N PHE A 232 -10.56 -5.93 5.51
CA PHE A 232 -9.58 -4.99 6.05
C PHE A 232 -9.19 -5.35 7.47
N GLN A 233 -10.15 -5.79 8.28
CA GLN A 233 -9.83 -6.16 9.66
C GLN A 233 -8.86 -7.34 9.66
N LYS A 234 -9.09 -8.28 8.76
CA LYS A 234 -8.24 -9.46 8.64
C LYS A 234 -6.83 -9.05 8.19
N LEU A 235 -6.74 -8.18 7.19
CA LEU A 235 -5.46 -7.71 6.69
C LEU A 235 -4.69 -7.03 7.82
N ALA A 236 -5.37 -6.18 8.58
CA ALA A 236 -4.74 -5.47 9.68
C ALA A 236 -4.28 -6.46 10.75
N LYS A 237 -5.14 -7.42 11.08
CA LYS A 237 -4.82 -8.43 12.10
C LYS A 237 -3.63 -9.28 11.70
N VAL A 238 -3.53 -9.60 10.41
CA VAL A 238 -2.40 -10.39 9.95
C VAL A 238 -1.09 -9.70 10.34
N TYR A 239 -0.98 -8.40 10.07
CA TYR A 239 0.25 -7.71 10.42
C TYR A 239 0.40 -7.60 11.93
N SER A 240 -0.67 -7.19 12.60
CA SER A 240 -0.64 -7.03 14.05
C SER A 240 -0.19 -8.29 14.78
N TYR A 241 -0.78 -9.43 14.44
CA TYR A 241 -0.43 -10.67 15.11
C TYR A 241 0.90 -11.29 14.69
N ALA A 242 1.42 -10.89 13.54
CA ALA A 242 2.73 -11.41 13.11
C ALA A 242 3.79 -10.50 13.73
N HIS A 243 3.38 -9.28 14.07
CA HIS A 243 4.28 -8.30 14.68
C HIS A 243 4.65 -8.67 16.11
N GLY A 244 5.86 -8.30 16.51
CA GLY A 244 6.34 -8.62 17.83
C GLY A 244 5.52 -8.20 19.05
N TRP A 245 4.82 -7.07 18.98
CA TRP A 245 4.05 -6.63 20.14
C TRP A 245 2.81 -5.81 19.85
N MET A 246 2.48 -5.64 18.57
CA MET A 246 1.31 -4.86 18.20
C MET A 246 0.01 -5.51 18.67
N PHE A 247 -0.11 -6.81 18.48
CA PHE A 247 -1.31 -7.54 18.86
C PHE A 247 -1.63 -7.40 20.35
N GLN A 248 -0.64 -7.01 21.15
CA GLN A 248 -0.84 -6.84 22.59
C GLN A 248 -1.95 -5.83 22.84
N GLY A 249 -2.03 -4.82 21.98
CA GLY A 249 -3.06 -3.82 22.12
C GLY A 249 -2.72 -2.66 23.04
N TRP A 250 -1.74 -2.86 23.92
CA TRP A 250 -1.32 -1.82 24.85
C TRP A 250 0.05 -1.30 24.48
N ASN A 251 0.08 -0.15 23.81
CA ASN A 251 1.32 0.48 23.39
C ASN A 251 1.18 1.99 23.40
N CYS A 252 2.22 2.69 23.85
CA CYS A 252 2.23 4.15 23.89
C CYS A 252 1.11 4.71 24.75
N GLY A 253 0.58 3.91 25.66
CA GLY A 253 -0.50 4.39 26.50
C GLY A 253 -1.85 4.27 25.80
N ASP A 254 -1.83 3.75 24.58
CA ASP A 254 -3.06 3.56 23.82
C ASP A 254 -3.50 2.12 23.95
N TYR A 255 -4.80 1.87 23.87
CA TYR A 255 -5.29 0.51 23.91
C TYR A 255 -6.13 0.23 22.68
N PHE A 256 -5.68 -0.71 21.86
CA PHE A 256 -6.39 -1.08 20.66
C PHE A 256 -6.57 -2.59 20.66
N PRO A 257 -7.82 -3.06 20.83
CA PRO A 257 -8.06 -4.50 20.84
C PRO A 257 -7.50 -5.11 19.55
N ASP A 258 -6.76 -6.22 19.69
CA ASP A 258 -6.16 -6.90 18.54
C ASP A 258 -5.06 -6.08 17.86
N GLY A 259 -4.75 -4.91 18.41
CA GLY A 259 -3.73 -4.08 17.82
C GLY A 259 -4.14 -3.46 16.49
N ILE A 260 -5.44 -3.33 16.27
CA ILE A 260 -5.93 -2.75 15.02
C ILE A 260 -6.97 -1.69 15.33
N THR A 261 -7.30 -0.88 14.34
CA THR A 261 -8.32 0.15 14.51
C THR A 261 -8.81 0.75 13.22
N ASN A 262 -10.10 1.07 13.20
CA ASN A 262 -10.67 1.73 12.05
C ASN A 262 -10.13 3.15 12.25
N GLY A 263 -9.66 3.77 11.18
CA GLY A 263 -9.11 5.11 11.30
C GLY A 263 -10.03 6.12 11.96
N ALA A 264 -11.20 6.31 11.37
CA ALA A 264 -12.20 7.26 11.88
C ALA A 264 -12.51 7.03 13.36
N SER A 265 -12.58 5.77 13.75
CA SER A 265 -12.88 5.42 15.14
C SER A 265 -11.83 5.97 16.09
N TRP A 266 -10.56 5.97 15.65
CA TRP A 266 -9.46 6.47 16.46
C TRP A 266 -9.53 8.00 16.46
N TYR A 267 -9.56 8.59 15.28
CA TYR A 267 -9.68 10.05 15.11
C TYR A 267 -9.90 10.35 13.63
N SER A 268 -10.82 11.25 13.35
CA SER A 268 -11.14 11.61 11.97
C SER A 268 -9.99 12.28 11.26
N LEU A 269 -9.73 11.85 10.04
CA LEU A 269 -8.64 12.38 9.24
C LEU A 269 -9.11 12.44 7.79
N SER A 270 -8.99 13.61 7.16
CA SER A 270 -9.40 13.75 5.77
C SER A 270 -8.22 14.13 4.87
N LYS A 271 -8.35 13.79 3.59
CA LYS A 271 -7.32 14.08 2.59
C LYS A 271 -6.07 13.21 2.80
N GLY A 272 -6.25 12.07 3.47
CA GLY A 272 -5.15 11.16 3.70
C GLY A 272 -4.88 10.26 2.50
N MET A 273 -3.69 9.69 2.44
CA MET A 273 -3.30 8.81 1.33
C MET A 273 -4.04 7.47 1.36
N GLN A 274 -4.22 6.92 2.56
CA GLN A 274 -4.90 5.63 2.73
C GLN A 274 -6.25 5.52 2.01
N ASP A 275 -7.19 6.37 2.39
CA ASP A 275 -8.52 6.33 1.77
C ASP A 275 -8.46 6.66 0.28
N PHE A 276 -7.50 7.49 -0.11
CA PHE A 276 -7.34 7.87 -1.51
C PHE A 276 -7.10 6.61 -2.35
N ASN A 277 -6.20 5.74 -1.87
CA ASN A 277 -5.87 4.48 -2.55
C ASN A 277 -7.13 3.69 -2.86
N TYR A 278 -7.93 3.47 -1.81
CA TYR A 278 -9.16 2.69 -1.91
C TYR A 278 -10.23 3.29 -2.82
N LEU A 279 -10.44 4.59 -2.72
CA LEU A 279 -11.47 5.27 -3.49
C LEU A 279 -11.10 5.69 -4.91
N HIS A 280 -9.81 5.86 -5.18
CA HIS A 280 -9.37 6.26 -6.51
C HIS A 280 -8.75 5.14 -7.35
N THR A 281 -8.32 4.05 -6.70
CA THR A 281 -7.70 2.93 -7.42
C THR A 281 -8.18 1.60 -6.86
N ASN A 282 -7.64 0.51 -7.40
CA ASN A 282 -8.00 -0.83 -6.92
C ASN A 282 -7.24 -1.20 -5.67
N CYS A 283 -6.22 -0.39 -5.34
CA CYS A 283 -5.37 -0.70 -4.21
C CYS A 283 -5.96 -0.57 -2.82
N PHE A 284 -5.91 -1.68 -2.06
CA PHE A 284 -6.40 -1.69 -0.69
C PHE A 284 -5.20 -1.37 0.19
N GLU A 285 -5.24 -0.24 0.89
CA GLU A 285 -4.12 0.14 1.74
C GLU A 285 -4.48 0.34 3.19
N ILE A 286 -3.56 -0.04 4.07
CA ILE A 286 -3.75 0.16 5.50
C ILE A 286 -2.54 0.94 5.97
N THR A 287 -2.69 1.61 7.10
CA THR A 287 -1.61 2.42 7.65
C THR A 287 -1.06 1.72 8.87
N LEU A 288 0.24 1.44 8.85
CA LEU A 288 0.88 0.75 9.97
C LEU A 288 1.70 1.68 10.84
N GLU A 289 1.20 1.95 12.05
CA GLU A 289 1.91 2.79 13.03
C GLU A 289 2.81 1.77 13.73
N LEU A 290 4.12 1.94 13.62
CA LEU A 290 5.05 0.96 14.16
C LEU A 290 5.82 1.24 15.45
N SER A 291 5.74 2.46 15.97
CA SER A 291 6.47 2.76 17.19
C SER A 291 6.01 4.06 17.85
N CYS A 292 6.06 4.07 19.18
CA CYS A 292 5.67 5.24 19.96
C CYS A 292 6.65 6.35 19.62
N ASP A 293 7.92 5.98 19.51
CA ASP A 293 8.99 6.92 19.18
C ASP A 293 9.07 7.03 17.66
N LYS A 294 8.76 8.20 17.13
CA LYS A 294 8.79 8.43 15.68
C LYS A 294 10.17 8.28 15.07
N PHE A 295 11.19 8.71 15.81
CA PHE A 295 12.57 8.67 15.35
C PHE A 295 13.38 7.94 16.43
N PRO A 296 13.24 6.61 16.50
CA PRO A 296 13.98 5.85 17.51
C PRO A 296 15.51 5.94 17.46
N PRO A 297 16.16 5.77 18.61
CA PRO A 297 17.63 5.84 18.62
C PRO A 297 18.19 4.65 17.84
N GLU A 298 19.37 4.83 17.26
CA GLU A 298 20.01 3.77 16.49
C GLU A 298 20.16 2.43 17.20
N GLU A 299 20.35 2.47 18.51
CA GLU A 299 20.51 1.23 19.27
C GLU A 299 19.24 0.40 19.36
N GLU A 300 18.14 0.94 18.83
CA GLU A 300 16.86 0.22 18.86
C GLU A 300 16.44 -0.27 17.48
N LEU A 301 17.16 0.16 16.45
CA LEU A 301 16.80 -0.23 15.07
C LEU A 301 16.81 -1.72 14.79
N GLN A 302 17.81 -2.44 15.32
CA GLN A 302 17.87 -3.87 15.08
C GLN A 302 16.70 -4.61 15.73
N ARG A 303 16.38 -4.27 16.97
CA ARG A 303 15.28 -4.92 17.66
C ARG A 303 13.97 -4.68 16.90
N GLU A 304 13.80 -3.45 16.41
CA GLU A 304 12.59 -3.11 15.67
C GLU A 304 12.53 -3.93 14.38
N TRP A 305 13.65 -4.02 13.67
CA TRP A 305 13.71 -4.79 12.44
C TRP A 305 13.33 -6.25 12.69
N LEU A 306 13.99 -6.87 13.68
CA LEU A 306 13.73 -8.27 14.00
C LEU A 306 12.31 -8.51 14.51
N GLY A 307 11.68 -7.47 15.03
CA GLY A 307 10.31 -7.59 15.51
C GLY A 307 9.29 -7.31 14.43
N ASN A 308 9.75 -6.81 13.28
CA ASN A 308 8.85 -6.46 12.17
C ASN A 308 8.96 -7.34 10.91
N LYS A 309 10.16 -7.84 10.61
CA LYS A 309 10.33 -8.59 9.38
C LYS A 309 9.36 -9.72 9.06
N GLU A 310 8.96 -10.50 10.05
CA GLU A 310 8.01 -11.59 9.78
C GLU A 310 6.67 -11.00 9.33
N ALA A 311 6.25 -9.94 10.00
CA ALA A 311 5.00 -9.28 9.66
C ALA A 311 5.08 -8.66 8.27
N LEU A 312 6.23 -8.04 7.95
CA LEU A 312 6.41 -7.40 6.66
C LEU A 312 6.26 -8.42 5.53
N ILE A 313 6.78 -9.62 5.76
CA ILE A 313 6.69 -10.68 4.76
C ILE A 313 5.26 -11.21 4.68
N GLN A 314 4.65 -11.50 5.82
CA GLN A 314 3.27 -12.02 5.82
C GLN A 314 2.26 -11.05 5.21
N PHE A 315 2.45 -9.75 5.39
CA PHE A 315 1.51 -8.79 4.82
C PHE A 315 1.54 -8.87 3.30
N LEU A 316 2.74 -8.91 2.73
CA LEU A 316 2.87 -9.01 1.28
C LEU A 316 2.26 -10.31 0.76
N GLU A 317 2.48 -11.40 1.49
CA GLU A 317 1.94 -12.69 1.08
C GLU A 317 0.42 -12.68 1.04
N GLN A 318 -0.19 -11.75 1.76
CA GLN A 318 -1.65 -11.62 1.81
C GLN A 318 -2.27 -11.21 0.47
N VAL A 319 -1.46 -10.72 -0.45
CA VAL A 319 -2.02 -10.32 -1.74
C VAL A 319 -2.48 -11.53 -2.52
N HIS A 320 -1.94 -12.70 -2.17
CA HIS A 320 -2.29 -13.93 -2.85
C HIS A 320 -3.49 -14.66 -2.24
N GLN A 321 -4.67 -14.05 -2.35
CA GLN A 321 -5.89 -14.65 -1.82
C GLN A 321 -7.08 -14.04 -2.57
N GLY A 322 -8.20 -14.76 -2.57
CA GLY A 322 -9.38 -14.27 -3.24
C GLY A 322 -9.54 -14.80 -4.66
N ILE A 323 -9.83 -13.90 -5.60
CA ILE A 323 -10.00 -14.31 -6.99
C ILE A 323 -9.19 -13.38 -7.88
N LYS A 324 -8.92 -13.86 -9.09
CA LYS A 324 -8.20 -13.08 -10.08
C LYS A 324 -8.47 -13.76 -11.40
N GLY A 325 -8.33 -13.02 -12.49
CA GLY A 325 -8.58 -13.60 -13.79
C GLY A 325 -8.50 -12.59 -14.90
N MET A 326 -9.01 -12.98 -16.06
CA MET A 326 -9.02 -12.12 -17.24
C MET A 326 -10.44 -11.80 -17.65
N VAL A 327 -10.62 -10.65 -18.30
CA VAL A 327 -11.93 -10.28 -18.82
C VAL A 327 -11.68 -10.17 -20.31
N LEU A 328 -12.39 -10.98 -21.08
CA LEU A 328 -12.22 -11.00 -22.54
C LEU A 328 -13.41 -10.45 -23.31
N ASP A 329 -13.16 -9.85 -24.46
CA ASP A 329 -14.24 -9.31 -25.29
C ASP A 329 -14.80 -10.40 -26.21
N GLN A 330 -15.67 -10.01 -27.13
CA GLN A 330 -16.30 -10.96 -28.04
C GLN A 330 -15.32 -11.72 -28.94
N ASN A 331 -14.14 -11.18 -29.14
CA ASN A 331 -13.14 -11.85 -29.98
C ASN A 331 -12.12 -12.60 -29.13
N TYR A 332 -12.36 -12.62 -27.83
CA TYR A 332 -11.50 -13.28 -26.85
C TYR A 332 -10.20 -12.51 -26.59
N ASN A 333 -10.19 -11.24 -26.98
CA ASN A 333 -9.03 -10.40 -26.74
C ASN A 333 -9.23 -9.76 -25.38
N ASN A 334 -8.13 -9.37 -24.73
CA ASN A 334 -8.18 -8.77 -23.41
C ASN A 334 -9.00 -7.48 -23.36
N LEU A 335 -9.78 -7.32 -22.29
CA LEU A 335 -10.60 -6.15 -22.11
C LEU A 335 -10.13 -5.39 -20.87
N ALA A 336 -9.52 -4.23 -21.09
CA ALA A 336 -9.02 -3.40 -19.99
C ALA A 336 -10.12 -2.52 -19.44
N ASN A 337 -10.01 -2.18 -18.16
CA ASN A 337 -10.97 -1.32 -17.49
C ASN A 337 -12.38 -1.91 -17.35
N ALA A 338 -12.47 -3.24 -17.39
CA ALA A 338 -13.76 -3.89 -17.20
C ALA A 338 -14.05 -3.74 -15.71
N VAL A 339 -15.31 -3.83 -15.32
CA VAL A 339 -15.67 -3.70 -13.92
C VAL A 339 -16.14 -5.03 -13.35
N ILE A 340 -15.50 -5.47 -12.27
CA ILE A 340 -15.85 -6.72 -11.61
C ILE A 340 -16.50 -6.41 -10.26
N SER A 341 -17.72 -6.89 -10.07
CA SER A 341 -18.43 -6.65 -8.82
C SER A 341 -18.82 -7.94 -8.11
N VAL A 342 -18.80 -7.89 -6.78
CA VAL A 342 -19.15 -9.02 -5.95
C VAL A 342 -20.42 -8.71 -5.16
N SER A 343 -21.43 -9.57 -5.30
CA SER A 343 -22.69 -9.37 -4.61
C SER A 343 -22.46 -9.22 -3.11
N GLY A 344 -23.12 -8.24 -2.51
CA GLY A 344 -22.98 -8.02 -1.09
C GLY A 344 -21.84 -7.08 -0.70
N ILE A 345 -20.98 -6.75 -1.65
CA ILE A 345 -19.86 -5.84 -1.36
C ILE A 345 -19.97 -4.64 -2.30
N ASN A 346 -20.36 -3.50 -1.75
CA ASN A 346 -20.54 -2.28 -2.53
C ASN A 346 -19.23 -1.56 -2.86
N HIS A 347 -18.31 -2.27 -3.50
CA HIS A 347 -17.01 -1.71 -3.90
C HIS A 347 -16.40 -2.60 -4.98
N ASP A 348 -16.44 -2.14 -6.23
CA ASP A 348 -15.91 -2.93 -7.33
C ASP A 348 -14.44 -2.65 -7.62
N VAL A 349 -13.87 -3.47 -8.50
CA VAL A 349 -12.49 -3.32 -8.95
C VAL A 349 -12.53 -3.44 -10.46
N THR A 350 -11.44 -3.07 -11.12
CA THR A 350 -11.39 -3.12 -12.57
C THR A 350 -10.20 -3.93 -13.05
N SER A 351 -10.22 -4.28 -14.33
CA SER A 351 -9.12 -5.02 -14.93
C SER A 351 -8.10 -3.99 -15.36
N GLY A 352 -6.83 -4.34 -15.30
CA GLY A 352 -5.79 -3.41 -15.71
C GLY A 352 -5.61 -3.36 -17.21
N ASP A 353 -4.55 -2.70 -17.66
CA ASP A 353 -4.26 -2.57 -19.09
C ASP A 353 -4.15 -3.90 -19.83
N HIS A 354 -3.65 -4.93 -19.16
CA HIS A 354 -3.48 -6.24 -19.77
C HIS A 354 -4.76 -7.08 -19.74
N GLY A 355 -5.81 -6.54 -19.14
CA GLY A 355 -7.07 -7.27 -19.07
C GLY A 355 -7.22 -8.17 -17.86
N ASP A 356 -6.22 -8.19 -16.99
CA ASP A 356 -6.29 -9.02 -15.79
C ASP A 356 -6.79 -8.19 -14.60
N TYR A 357 -7.54 -8.83 -13.72
CA TYR A 357 -8.06 -8.15 -12.54
C TYR A 357 -7.79 -8.98 -11.29
N PHE A 358 -7.83 -8.34 -10.14
CA PHE A 358 -7.60 -9.02 -8.87
C PHE A 358 -8.66 -8.58 -7.87
N ARG A 359 -9.12 -9.51 -7.04
CA ARG A 359 -10.13 -9.18 -6.04
C ARG A 359 -9.85 -9.92 -4.75
N LEU A 360 -9.34 -9.22 -3.74
CA LEU A 360 -9.06 -9.83 -2.46
C LEU A 360 -10.40 -10.13 -1.80
N LEU A 361 -10.54 -11.34 -1.27
CA LEU A 361 -11.78 -11.77 -0.63
C LEU A 361 -11.50 -12.86 0.40
N LEU A 362 -12.23 -12.83 1.50
CA LEU A 362 -12.09 -13.82 2.55
C LEU A 362 -12.73 -15.11 2.01
N PRO A 363 -12.44 -16.26 2.64
CA PRO A 363 -13.03 -17.52 2.17
C PRO A 363 -14.55 -17.48 2.17
N GLY A 364 -15.16 -18.10 1.17
CA GLY A 364 -16.62 -18.13 1.09
C GLY A 364 -17.13 -18.31 -0.32
N ILE A 365 -18.46 -18.29 -0.47
CA ILE A 365 -19.08 -18.44 -1.77
C ILE A 365 -19.66 -17.09 -2.19
N TYR A 366 -19.28 -16.62 -3.38
CA TYR A 366 -19.75 -15.34 -3.86
C TYR A 366 -20.34 -15.40 -5.25
N THR A 367 -21.19 -14.42 -5.55
CA THR A 367 -21.77 -14.31 -6.88
C THR A 367 -20.98 -13.16 -7.47
N VAL A 368 -20.20 -13.45 -8.50
CA VAL A 368 -19.35 -12.44 -9.12
C VAL A 368 -19.79 -12.11 -10.55
N SER A 369 -19.75 -10.83 -10.87
CA SER A 369 -20.15 -10.37 -12.20
C SER A 369 -19.14 -9.41 -12.81
N ALA A 370 -19.05 -9.43 -14.12
CA ALA A 370 -18.13 -8.54 -14.85
C ALA A 370 -18.86 -7.88 -15.99
N THR A 371 -18.47 -6.65 -16.30
CA THR A 371 -19.08 -5.92 -17.40
C THR A 371 -18.11 -4.86 -17.88
N ALA A 372 -18.48 -4.20 -18.97
CA ALA A 372 -17.65 -3.15 -19.54
C ALA A 372 -18.51 -2.30 -20.45
N PRO A 373 -18.08 -1.06 -20.72
CA PRO A 373 -18.86 -0.18 -21.60
C PRO A 373 -19.08 -0.83 -22.96
N GLY A 374 -20.34 -0.98 -23.35
CA GLY A 374 -20.65 -1.59 -24.63
C GLY A 374 -20.85 -3.09 -24.60
N TYR A 375 -20.77 -3.68 -23.42
CA TYR A 375 -20.95 -5.12 -23.27
C TYR A 375 -22.03 -5.47 -22.26
N ASP A 376 -22.54 -6.68 -22.34
CA ASP A 376 -23.57 -7.14 -21.40
C ASP A 376 -22.86 -7.90 -20.27
N PRO A 377 -23.38 -7.79 -19.05
CA PRO A 377 -22.80 -8.46 -17.88
C PRO A 377 -22.78 -9.99 -17.97
N GLU A 378 -21.81 -10.58 -17.28
CA GLU A 378 -21.67 -12.02 -17.22
C GLU A 378 -21.55 -12.30 -15.73
N THR A 379 -22.33 -13.25 -15.25
CA THR A 379 -22.31 -13.57 -13.83
C THR A 379 -21.90 -15.02 -13.63
N VAL A 380 -21.17 -15.26 -12.56
CA VAL A 380 -20.74 -16.61 -12.22
C VAL A 380 -20.75 -16.73 -10.72
N THR A 381 -20.83 -17.96 -10.23
CA THR A 381 -20.83 -18.19 -8.80
C THR A 381 -19.48 -18.85 -8.52
N VAL A 382 -18.77 -18.37 -7.52
CA VAL A 382 -17.45 -18.92 -7.22
C VAL A 382 -17.19 -19.17 -5.75
N THR A 383 -16.33 -20.15 -5.48
CA THR A 383 -15.98 -20.51 -4.12
C THR A 383 -14.53 -20.09 -3.85
N VAL A 384 -14.33 -19.27 -2.82
CA VAL A 384 -13.00 -18.79 -2.46
C VAL A 384 -12.46 -19.59 -1.28
N GLY A 385 -11.27 -20.16 -1.45
CA GLY A 385 -10.66 -20.93 -0.38
C GLY A 385 -9.68 -20.14 0.46
N PRO A 386 -9.21 -20.71 1.58
CA PRO A 386 -8.28 -20.05 2.49
C PRO A 386 -6.83 -19.99 1.97
N ALA A 387 -6.52 -20.82 0.98
CA ALA A 387 -5.19 -20.84 0.42
C ALA A 387 -5.03 -19.88 -0.77
N GLU A 388 -4.55 -20.41 -1.89
CA GLU A 388 -4.33 -19.61 -3.08
C GLU A 388 -5.62 -19.09 -3.70
N PRO A 389 -5.51 -18.08 -4.60
CA PRO A 389 -6.68 -17.50 -5.25
C PRO A 389 -7.23 -18.49 -6.29
N THR A 390 -8.48 -18.29 -6.68
CA THR A 390 -9.10 -19.14 -7.69
C THR A 390 -9.19 -18.30 -8.96
N LEU A 391 -8.88 -18.92 -10.10
CA LEU A 391 -8.92 -18.22 -11.37
C LEU A 391 -10.34 -18.13 -11.91
N VAL A 392 -10.80 -16.91 -12.12
CA VAL A 392 -12.15 -16.68 -12.64
C VAL A 392 -12.09 -15.72 -13.81
N ASN A 393 -12.31 -16.26 -15.01
CA ASN A 393 -12.27 -15.46 -16.22
C ASN A 393 -13.67 -15.15 -16.72
N PHE A 394 -13.81 -14.07 -17.49
CA PHE A 394 -15.09 -13.70 -18.05
C PHE A 394 -14.97 -13.42 -19.54
N HIS A 395 -15.98 -13.88 -20.30
CA HIS A 395 -16.01 -13.65 -21.73
C HIS A 395 -17.28 -12.83 -21.98
N LEU A 396 -17.11 -11.56 -22.32
CA LEU A 396 -18.24 -10.67 -22.55
C LEU A 396 -18.66 -10.54 -24.01
N LYS A 397 -19.96 -10.33 -24.20
CA LYS A 397 -20.55 -10.17 -25.52
C LYS A 397 -20.99 -8.70 -25.67
N ARG A 398 -20.89 -8.17 -26.88
CA ARG A 398 -21.28 -6.80 -27.14
C ARG A 398 -22.77 -6.61 -26.87
N SER A 399 -23.14 -5.41 -26.41
CA SER A 399 -24.54 -5.12 -26.14
C SER A 399 -25.33 -5.12 -27.45
C1 NAG B . -24.20 -19.47 -9.37
C2 NAG B . -25.30 -18.72 -10.16
C3 NAG B . -26.04 -17.77 -9.19
C4 NAG B . -26.66 -18.64 -8.08
C5 NAG B . -25.53 -19.39 -7.35
C6 NAG B . -26.14 -20.27 -6.25
C7 NAG B . -25.32 -17.89 -12.49
C8 NAG B . -24.70 -17.10 -13.60
N2 NAG B . -24.71 -17.93 -11.26
O3 NAG B . -27.06 -17.05 -9.88
O4 NAG B . -27.36 -17.79 -7.15
O5 NAG B . -24.80 -20.25 -8.29
O6 NAG B . -25.10 -20.98 -5.57
O7 NAG B . -26.34 -18.51 -12.69
C1 NAG C . -17.55 -23.74 -4.88
C2 NAG C . -18.98 -24.01 -5.40
C3 NAG C . -19.94 -24.12 -4.20
C4 NAG C . -19.45 -25.28 -3.30
C5 NAG C . -18.01 -24.95 -2.84
C6 NAG C . -17.49 -26.10 -1.96
C7 NAG C . -20.05 -23.27 -7.47
C8 NAG C . -20.52 -22.19 -8.40
N2 NAG C . -19.43 -22.95 -6.30
O3 NAG C . -21.27 -24.38 -4.64
O4 NAG C . -20.32 -25.39 -2.17
O5 NAG C . -17.12 -24.81 -3.99
O6 NAG C . -16.16 -25.81 -1.53
O7 NAG C . -20.24 -24.43 -7.78
C1 NAG D . -10.65 -21.84 -8.19
C2 NAG D . -11.67 -22.79 -8.91
C3 NAG D . -12.95 -22.87 -8.05
C4 NAG D . -12.57 -23.43 -6.67
C5 NAG D . -11.55 -22.46 -6.03
C6 NAG D . -11.15 -22.99 -4.64
C7 NAG D . -12.26 -23.08 -11.31
C8 NAG D . -12.60 -22.51 -12.65
N2 NAG D . -11.99 -22.25 -10.25
O3 NAG D . -13.90 -23.74 -8.67
O4 NAG D . -13.74 -23.52 -5.85
O5 NAG D . -10.35 -22.35 -6.85
O6 NAG D . -10.20 -22.09 -4.05
O7 NAG D . -12.26 -24.29 -11.15
S SO4 E . 25.73 1.17 6.12
O1 SO4 E . 26.75 1.69 7.13
O2 SO4 E . 26.30 -0.12 5.52
O3 SO4 E . 24.57 0.80 6.86
O4 SO4 E . 25.73 2.10 5.05
S SO4 F . -1.32 11.04 10.63
O1 SO4 F . -1.27 11.57 9.22
O2 SO4 F . -0.02 11.43 11.31
O3 SO4 F . -2.36 11.74 11.30
O4 SO4 F . -1.27 9.63 10.51
S SO4 G . -19.22 2.20 -12.60
O1 SO4 G . -20.56 2.08 -13.32
O2 SO4 G . -19.52 2.79 -11.23
O3 SO4 G . -18.74 0.89 -12.41
O4 SO4 G . -18.52 3.22 -13.29
S SO4 H . 20.47 8.23 17.57
O1 SO4 H . 20.16 9.30 18.61
O2 SO4 H . 19.21 8.05 16.73
O3 SO4 H . 21.48 8.75 16.72
O4 SO4 H . 20.59 7.02 18.32
#